data_1LAU
#
_entry.id   1LAU
#
_cell.length_a   46.660
_cell.length_b   61.830
_cell.length_c   86.670
_cell.angle_alpha   90.00
_cell.angle_beta   90.00
_cell.angle_gamma   90.00
#
_symmetry.space_group_name_H-M   'P 21 21 21'
#
loop_
_entity.id
_entity.type
_entity.pdbx_description
1 polymer "DNA (5'-D(*TP*TP*T)-3')"
2 polymer 'PROTEIN (URACIL-DNA GLYCOSYLASE (E.C.3.2.2.-))'
3 water water
#
loop_
_entity_poly.entity_id
_entity_poly.type
_entity_poly.pdbx_seq_one_letter_code
_entity_poly.pdbx_strand_id
1 'polydeoxyribonucleotide' (DT)(DT)(DT) D
2 'polypeptide(L)'
;MDLTNGGVSPAATSAPLDWTTFRRVFLIDDAWRPLMEPELANPLTAHLLAEYNRRCQTEEVLPPREDVFSWTRYCTPDEV
RVVIIGQDPYHHPGQAHGLAFSVRANVPPPPSLRNVLAAVKNCYPEARMSGHGCLEKWARDGVLLLNTTLTVKRGAAASH
SRIGWDRFVGGVIRRLAARRPGLVFMLWGTHAQNAIRPDPRVHCVLKFSHPSPLSKVPFGTCQHFLVANRYLETRSISPI
DWSV
;
E
#
# COMPACT_ATOMS: atom_id res chain seq x y z
N LEU B 17 -2.40 15.84 -21.55
CA LEU B 17 -3.72 15.54 -22.27
C LEU B 17 -4.44 14.33 -21.67
N ASP B 18 -3.80 13.16 -21.72
CA ASP B 18 -4.39 11.98 -21.11
C ASP B 18 -4.10 12.18 -19.62
N TRP B 19 -2.90 12.64 -19.29
CA TRP B 19 -2.54 12.85 -17.89
C TRP B 19 -3.32 13.96 -17.22
N THR B 20 -3.49 15.03 -17.94
CA THR B 20 -4.17 16.15 -17.39
C THR B 20 -5.53 15.71 -16.88
N THR B 21 -6.22 14.93 -17.69
CA THR B 21 -7.54 14.47 -17.34
C THR B 21 -7.53 13.41 -16.21
N PHE B 22 -6.68 12.42 -16.37
CA PHE B 22 -6.49 11.34 -15.42
C PHE B 22 -6.35 11.93 -14.00
N ARG B 23 -5.47 12.90 -13.90
CA ARG B 23 -5.20 13.53 -12.63
C ARG B 23 -6.42 14.28 -12.08
N ARG B 24 -7.15 14.88 -13.00
CA ARG B 24 -8.33 15.65 -12.69
C ARG B 24 -9.31 14.71 -11.98
N VAL B 25 -9.62 13.60 -12.65
CA VAL B 25 -10.56 12.58 -12.16
C VAL B 25 -10.26 11.94 -10.78
N PHE B 26 -9.02 11.51 -10.56
CA PHE B 26 -8.67 10.86 -9.31
C PHE B 26 -7.92 11.75 -8.32
N LEU B 27 -7.72 13.03 -8.66
CA LEU B 27 -7.04 14.00 -7.81
C LEU B 27 -5.66 13.48 -7.37
N ILE B 28 -4.85 13.12 -8.36
CA ILE B 28 -3.52 12.59 -8.15
C ILE B 28 -2.51 13.73 -7.97
N ASP B 29 -1.60 13.58 -7.01
CA ASP B 29 -0.56 14.57 -6.77
C ASP B 29 0.43 14.51 -7.96
N ASP B 30 0.63 15.64 -8.62
CA ASP B 30 1.53 15.73 -9.75
C ASP B 30 2.93 15.22 -9.52
N ALA B 31 3.41 15.16 -8.27
CA ALA B 31 4.75 14.63 -7.98
C ALA B 31 4.92 13.19 -8.50
N TRP B 32 3.81 12.45 -8.59
CA TRP B 32 3.86 11.09 -9.08
C TRP B 32 3.80 10.98 -10.59
N ARG B 33 3.63 12.11 -11.29
CA ARG B 33 3.53 12.10 -12.74
C ARG B 33 4.57 11.28 -13.50
N PRO B 34 5.87 11.41 -13.18
CA PRO B 34 6.89 10.62 -13.90
C PRO B 34 6.81 9.06 -13.75
N LEU B 35 6.26 8.56 -12.64
CA LEU B 35 6.13 7.13 -12.42
C LEU B 35 4.84 6.53 -13.05
N MET B 36 3.80 7.35 -13.17
CA MET B 36 2.48 6.94 -13.68
C MET B 36 2.14 7.27 -15.13
N GLU B 37 2.49 8.47 -15.56
CA GLU B 37 2.20 8.89 -16.92
C GLU B 37 2.56 7.88 -18.00
N PRO B 38 3.70 7.20 -17.86
CA PRO B 38 4.07 6.20 -18.87
C PRO B 38 3.06 5.04 -19.00
N GLU B 39 2.27 4.80 -17.95
CA GLU B 39 1.26 3.73 -17.99
C GLU B 39 0.11 4.12 -18.90
N LEU B 40 -0.13 5.41 -19.06
CA LEU B 40 -1.23 5.86 -19.90
C LEU B 40 -1.06 5.53 -21.39
N ALA B 41 0.17 5.28 -21.82
CA ALA B 41 0.44 4.93 -23.22
C ALA B 41 0.02 3.48 -23.56
N ASN B 42 -0.18 2.64 -22.55
CA ASN B 42 -0.58 1.25 -22.76
C ASN B 42 -2.07 1.16 -23.04
N PRO B 43 -2.46 0.59 -24.19
CA PRO B 43 -3.87 0.43 -24.58
C PRO B 43 -4.63 -0.33 -23.47
N LEU B 44 -3.91 -1.19 -22.75
CA LEU B 44 -4.52 -1.93 -21.65
C LEU B 44 -4.94 -0.97 -20.48
N THR B 45 -4.26 0.15 -20.33
CA THR B 45 -4.66 1.08 -19.27
C THR B 45 -6.02 1.73 -19.56
N ALA B 46 -6.31 1.93 -20.86
CA ALA B 46 -7.61 2.49 -21.25
C ALA B 46 -8.72 1.45 -21.03
N HIS B 47 -8.39 0.17 -21.23
CA HIS B 47 -9.35 -0.91 -21.00
C HIS B 47 -9.65 -0.97 -19.50
N LEU B 48 -8.61 -0.88 -18.68
CA LEU B 48 -8.73 -0.89 -17.22
C LEU B 48 -9.66 0.25 -16.77
N LEU B 49 -9.36 1.46 -17.22
CA LEU B 49 -10.17 2.64 -16.86
C LEU B 49 -11.62 2.58 -17.30
N ALA B 50 -11.86 2.04 -18.49
CA ALA B 50 -13.23 1.93 -18.96
C ALA B 50 -14.01 0.90 -18.17
N GLU B 51 -13.34 -0.17 -17.74
CA GLU B 51 -13.97 -1.23 -16.95
C GLU B 51 -14.29 -0.72 -15.56
N TYR B 52 -13.37 0.06 -14.98
CA TYR B 52 -13.59 0.64 -13.67
C TYR B 52 -14.80 1.55 -13.73
N ASN B 53 -14.90 2.38 -14.77
CA ASN B 53 -16.05 3.29 -14.95
C ASN B 53 -17.37 2.55 -15.08
N ARG B 54 -17.38 1.46 -15.86
CA ARG B 54 -18.57 0.65 -16.03
C ARG B 54 -18.99 0.03 -14.71
N ARG B 55 -18.03 -0.46 -13.92
CA ARG B 55 -18.37 -1.02 -12.64
C ARG B 55 -18.95 0.03 -11.67
N CYS B 56 -18.46 1.26 -11.73
CA CYS B 56 -19.01 2.30 -10.87
C CYS B 56 -20.48 2.63 -11.19
N GLN B 57 -20.88 2.39 -12.42
CA GLN B 57 -22.24 2.66 -12.86
C GLN B 57 -23.22 1.55 -12.52
N THR B 58 -22.70 0.35 -12.25
CA THR B 58 -23.55 -0.78 -11.96
C THR B 58 -23.44 -1.43 -10.59
N GLU B 59 -22.41 -1.11 -9.82
CA GLU B 59 -22.27 -1.70 -8.49
C GLU B 59 -21.79 -0.65 -7.50
N GLU B 60 -21.72 -1.05 -6.23
CA GLU B 60 -21.22 -0.18 -5.20
C GLU B 60 -19.70 -0.48 -5.08
N VAL B 61 -18.88 0.39 -5.66
CA VAL B 61 -17.43 0.26 -5.67
C VAL B 61 -16.77 1.02 -4.52
N LEU B 62 -15.84 0.33 -3.87
CA LEU B 62 -15.10 0.86 -2.73
C LEU B 62 -13.57 0.76 -3.05
N PRO B 63 -12.73 1.73 -2.57
CA PRO B 63 -13.15 2.90 -1.78
C PRO B 63 -13.68 3.97 -2.75
N PRO B 64 -14.21 5.09 -2.21
CA PRO B 64 -14.74 6.18 -3.04
C PRO B 64 -13.68 6.70 -4.02
N ARG B 65 -14.15 7.18 -5.17
CA ARG B 65 -13.26 7.65 -6.22
C ARG B 65 -12.14 8.55 -5.72
N GLU B 66 -12.48 9.51 -4.88
CA GLU B 66 -11.53 10.46 -4.33
C GLU B 66 -10.44 9.83 -3.46
N ASP B 67 -10.67 8.60 -2.97
CA ASP B 67 -9.71 7.91 -2.11
C ASP B 67 -8.85 6.86 -2.81
N VAL B 68 -9.23 6.50 -4.03
CA VAL B 68 -8.49 5.45 -4.77
C VAL B 68 -6.99 5.71 -4.84
N PHE B 69 -6.62 6.97 -5.06
CA PHE B 69 -5.22 7.32 -5.17
C PHE B 69 -4.78 8.23 -4.05
N SER B 70 -5.34 8.04 -2.86
CA SER B 70 -4.96 8.87 -1.72
C SER B 70 -3.49 8.66 -1.39
N TRP B 71 -2.96 7.46 -1.65
CA TRP B 71 -1.55 7.15 -1.40
C TRP B 71 -0.54 8.10 -2.10
N THR B 72 -0.92 8.74 -3.21
CA THR B 72 -0.03 9.68 -3.93
C THR B 72 0.12 11.04 -3.20
N ARG B 73 -0.81 11.37 -2.30
CA ARG B 73 -0.86 12.67 -1.61
C ARG B 73 -0.06 12.88 -0.34
N TYR B 74 0.23 11.80 0.39
CA TYR B 74 0.95 11.87 1.66
C TYR B 74 2.47 12.04 1.61
N CYS B 75 3.09 11.63 0.50
CA CYS B 75 4.54 11.78 0.30
C CYS B 75 4.85 11.64 -1.20
N THR B 76 5.99 12.18 -1.62
CA THR B 76 6.45 12.11 -2.99
C THR B 76 7.30 10.85 -3.17
N PRO B 77 7.54 10.46 -4.44
CA PRO B 77 8.36 9.29 -4.72
C PRO B 77 9.71 9.40 -4.06
N ASP B 78 10.25 10.60 -3.99
CA ASP B 78 11.56 10.81 -3.38
C ASP B 78 11.61 10.70 -1.86
N GLU B 79 10.45 10.82 -1.21
CA GLU B 79 10.35 10.71 0.22
C GLU B 79 10.03 9.26 0.68
N VAL B 80 9.75 8.35 -0.25
CA VAL B 80 9.41 6.98 0.11
C VAL B 80 10.61 6.24 0.69
N ARG B 81 10.43 5.65 1.88
CA ARG B 81 11.50 4.89 2.55
C ARG B 81 11.20 3.40 2.63
N VAL B 82 9.91 3.06 2.89
CA VAL B 82 9.45 1.69 3.05
C VAL B 82 8.19 1.42 2.20
N VAL B 83 8.13 0.23 1.61
CA VAL B 83 6.99 -0.18 0.78
C VAL B 83 6.38 -1.42 1.41
N ILE B 84 5.08 -1.34 1.71
CA ILE B 84 4.36 -2.46 2.29
C ILE B 84 3.23 -2.77 1.32
N ILE B 85 3.23 -4.01 0.82
CA ILE B 85 2.26 -4.48 -0.18
C ILE B 85 1.02 -5.17 0.43
N GLY B 86 -0.17 -4.73 -0.03
CA GLY B 86 -1.42 -5.34 0.39
C GLY B 86 -2.06 -6.06 -0.82
N GLN B 87 -3.15 -6.78 -0.63
CA GLN B 87 -3.78 -7.50 -1.74
C GLN B 87 -5.09 -6.84 -2.27
N ASP B 88 -6.13 -6.89 -1.45
CA ASP B 88 -7.45 -6.36 -1.80
C ASP B 88 -7.89 -5.26 -0.78
N PRO B 89 -8.65 -4.23 -1.20
CA PRO B 89 -9.06 -3.25 -0.20
C PRO B 89 -10.26 -3.81 0.62
N TYR B 90 -10.46 -3.29 1.83
CA TYR B 90 -11.57 -3.70 2.66
C TYR B 90 -12.86 -3.54 1.88
N HIS B 91 -13.79 -4.48 2.03
CA HIS B 91 -15.03 -4.43 1.25
C HIS B 91 -16.34 -4.06 1.97
N HIS B 92 -16.24 -3.48 3.15
CA HIS B 92 -17.43 -3.00 3.84
C HIS B 92 -17.36 -1.49 3.87
N PRO B 93 -18.52 -0.82 3.75
CA PRO B 93 -18.52 0.65 3.76
C PRO B 93 -17.81 1.26 4.98
N GLY B 94 -17.08 2.33 4.70
CA GLY B 94 -16.40 3.08 5.74
C GLY B 94 -15.07 2.53 6.22
N GLN B 95 -14.61 1.38 5.69
CA GLN B 95 -13.35 0.81 6.17
C GLN B 95 -12.12 1.30 5.40
N ALA B 96 -12.08 1.01 4.10
CA ALA B 96 -10.96 1.38 3.22
C ALA B 96 -10.92 2.85 2.88
N HIS B 97 -9.71 3.41 2.77
CA HIS B 97 -9.54 4.81 2.38
C HIS B 97 -8.34 5.01 1.44
N GLY B 98 -7.93 3.96 0.75
CA GLY B 98 -6.87 4.11 -0.21
C GLY B 98 -5.50 3.60 0.16
N LEU B 99 -5.29 3.23 1.41
CA LEU B 99 -3.96 2.72 1.84
C LEU B 99 -4.11 1.27 2.18
N ALA B 100 -3.08 0.48 1.94
CA ALA B 100 -3.14 -0.93 2.29
C ALA B 100 -3.19 -1.04 3.81
N PHE B 101 -3.93 -2.04 4.32
CA PHE B 101 -4.14 -2.37 5.74
C PHE B 101 -4.88 -1.38 6.65
N SER B 102 -4.70 -0.09 6.38
CA SER B 102 -5.27 1.01 7.17
C SER B 102 -6.79 1.09 7.09
N VAL B 103 -7.41 1.51 8.20
CA VAL B 103 -8.86 1.76 8.22
C VAL B 103 -9.03 3.23 8.65
N ARG B 104 -10.17 3.82 8.31
CA ARG B 104 -10.43 5.21 8.70
C ARG B 104 -10.38 5.38 10.22
N ALA B 105 -9.95 6.55 10.67
CA ALA B 105 -9.90 6.88 12.11
C ALA B 105 -11.27 6.55 12.75
N ASN B 106 -11.32 6.05 13.97
CA ASN B 106 -12.65 5.72 14.56
C ASN B 106 -13.31 4.46 14.06
N VAL B 107 -12.60 3.68 13.25
CA VAL B 107 -13.07 2.35 12.86
C VAL B 107 -12.15 1.40 13.67
N PRO B 108 -12.70 0.61 14.62
CA PRO B 108 -11.85 -0.30 15.40
C PRO B 108 -11.05 -1.19 14.44
N PRO B 109 -9.75 -1.36 14.68
CA PRO B 109 -8.95 -2.21 13.77
C PRO B 109 -9.47 -3.66 13.72
N PRO B 110 -9.63 -4.23 12.51
CA PRO B 110 -10.09 -5.61 12.40
C PRO B 110 -8.89 -6.50 12.81
N PRO B 111 -9.12 -7.81 12.95
CA PRO B 111 -8.10 -8.78 13.36
C PRO B 111 -6.70 -8.74 12.77
N SER B 112 -6.56 -8.73 11.44
CA SER B 112 -5.23 -8.71 10.82
C SER B 112 -4.46 -7.44 11.22
N LEU B 113 -5.13 -6.30 11.13
CA LEU B 113 -4.50 -5.03 11.54
C LEU B 113 -4.09 -5.02 13.03
N ARG B 114 -4.92 -5.56 13.91
CA ARG B 114 -4.56 -5.66 15.32
C ARG B 114 -3.23 -6.39 15.46
N ASN B 115 -3.00 -7.43 14.64
CA ASN B 115 -1.74 -8.18 14.71
C ASN B 115 -0.52 -7.39 14.23
N VAL B 116 -0.72 -6.54 13.21
CA VAL B 116 0.34 -5.67 12.70
C VAL B 116 0.71 -4.67 13.82
N LEU B 117 -0.30 -4.10 14.47
CA LEU B 117 -0.06 -3.16 15.54
C LEU B 117 0.58 -3.83 16.80
N ALA B 118 0.22 -5.08 17.08
CA ALA B 118 0.76 -5.85 18.21
C ALA B 118 2.27 -6.05 17.98
N ALA B 119 2.66 -6.40 16.74
CA ALA B 119 4.07 -6.58 16.37
C ALA B 119 4.87 -5.27 16.52
N VAL B 120 4.27 -4.13 16.17
CA VAL B 120 4.95 -2.85 16.34
C VAL B 120 5.27 -2.65 17.85
N LYS B 121 4.28 -2.92 18.71
CA LYS B 121 4.43 -2.80 20.17
C LYS B 121 5.45 -3.80 20.75
N ASN B 122 5.51 -5.02 20.23
CA ASN B 122 6.50 -5.99 20.70
C ASN B 122 7.92 -5.55 20.33
N CYS B 123 8.06 -4.90 19.17
CA CYS B 123 9.37 -4.40 18.71
C CYS B 123 9.80 -3.15 19.45
N TYR B 124 8.82 -2.29 19.75
CA TYR B 124 9.07 -1.01 20.42
C TYR B 124 8.19 -0.85 21.66
N PRO B 125 8.65 -1.38 22.83
CA PRO B 125 7.88 -1.29 24.08
C PRO B 125 7.59 0.17 24.47
N GLU B 126 8.45 1.09 24.05
CA GLU B 126 8.22 2.50 24.38
C GLU B 126 7.24 3.26 23.44
N ALA B 127 6.87 2.64 22.31
CA ALA B 127 5.97 3.30 21.37
C ALA B 127 4.60 3.61 22.00
N ARG B 128 4.14 4.84 21.83
CA ARG B 128 2.85 5.21 22.40
C ARG B 128 1.79 4.93 21.35
N MET B 129 1.01 3.90 21.56
CA MET B 129 -0.01 3.48 20.61
C MET B 129 -1.35 4.10 20.94
N SER B 130 -2.01 4.67 19.94
CA SER B 130 -3.30 5.32 20.14
C SER B 130 -4.47 4.35 20.30
N GLY B 131 -4.36 3.14 19.78
CA GLY B 131 -5.48 2.23 19.85
C GLY B 131 -6.28 2.26 18.55
N HIS B 132 -5.99 3.23 17.70
CA HIS B 132 -6.68 3.34 16.43
C HIS B 132 -5.92 2.63 15.31
N GLY B 133 -6.56 2.52 14.15
CA GLY B 133 -5.96 1.80 13.03
C GLY B 133 -5.71 2.58 11.77
N CYS B 134 -5.78 3.91 11.81
CA CYS B 134 -5.53 4.74 10.63
C CYS B 134 -4.02 4.96 10.54
N LEU B 135 -3.43 4.68 9.37
CA LEU B 135 -1.99 4.75 9.19
C LEU B 135 -1.50 5.97 8.41
N GLU B 136 -2.33 7.02 8.36
CA GLU B 136 -1.96 8.26 7.66
C GLU B 136 -0.59 8.79 8.15
N LYS B 137 -0.31 8.72 9.46
CA LYS B 137 0.97 9.17 10.01
C LYS B 137 2.15 8.46 9.35
N TRP B 138 2.09 7.14 9.23
CA TRP B 138 3.14 6.38 8.55
C TRP B 138 3.29 6.87 7.10
N ALA B 139 2.18 7.01 6.37
CA ALA B 139 2.19 7.48 4.98
C ALA B 139 2.91 8.83 4.84
N ARG B 140 2.60 9.78 5.72
CA ARG B 140 3.24 11.07 5.63
C ARG B 140 4.75 10.95 5.92
N ASP B 141 5.13 9.95 6.69
CA ASP B 141 6.53 9.73 7.02
C ASP B 141 7.28 8.81 6.04
N GLY B 142 6.72 8.58 4.86
CA GLY B 142 7.42 7.79 3.87
C GLY B 142 7.17 6.29 3.78
N VAL B 143 6.12 5.79 4.44
CA VAL B 143 5.76 4.37 4.37
C VAL B 143 4.65 4.25 3.33
N LEU B 144 4.99 3.70 2.16
CA LEU B 144 4.02 3.54 1.07
C LEU B 144 3.21 2.24 1.27
N LEU B 145 1.90 2.40 1.49
CA LEU B 145 0.98 1.28 1.76
C LEU B 145 0.14 1.03 0.51
N LEU B 146 0.58 0.08 -0.28
CA LEU B 146 -0.04 -0.15 -1.57
C LEU B 146 -0.65 -1.52 -1.82
N ASN B 147 -1.93 -1.53 -2.19
CA ASN B 147 -2.64 -2.76 -2.53
C ASN B 147 -2.36 -3.05 -4.00
N THR B 148 -2.37 -4.33 -4.39
CA THR B 148 -2.15 -4.67 -5.81
C THR B 148 -3.47 -4.51 -6.59
N THR B 149 -4.59 -4.61 -5.88
CA THR B 149 -5.91 -4.36 -6.45
C THR B 149 -6.45 -3.11 -5.68
N LEU B 150 -6.76 -2.03 -6.42
CA LEU B 150 -7.19 -0.78 -5.79
C LEU B 150 -8.68 -0.58 -5.50
N THR B 151 -9.55 -1.39 -6.10
CA THR B 151 -10.99 -1.24 -5.90
C THR B 151 -11.65 -2.59 -5.66
N VAL B 152 -12.91 -2.57 -5.21
CA VAL B 152 -13.61 -3.81 -4.94
C VAL B 152 -15.10 -3.51 -4.93
N LYS B 153 -15.90 -4.51 -5.26
CA LYS B 153 -17.35 -4.35 -5.19
C LYS B 153 -17.70 -4.65 -3.75
N ARG B 154 -18.57 -3.83 -3.17
CA ARG B 154 -19.01 -4.01 -1.80
C ARG B 154 -19.47 -5.44 -1.48
N GLY B 155 -18.92 -5.99 -0.41
CA GLY B 155 -19.25 -7.33 0.04
C GLY B 155 -18.66 -8.49 -0.73
N ALA B 156 -17.86 -8.23 -1.75
CA ALA B 156 -17.30 -9.29 -2.56
C ALA B 156 -15.79 -9.20 -2.77
N ALA B 157 -15.08 -9.94 -1.93
CA ALA B 157 -13.63 -10.00 -1.98
C ALA B 157 -13.07 -10.47 -3.32
N ALA B 158 -12.02 -9.80 -3.79
CA ALA B 158 -11.35 -10.13 -5.05
C ALA B 158 -12.22 -9.95 -6.32
N SER B 159 -13.35 -9.26 -6.17
CA SER B 159 -14.26 -9.04 -7.29
C SER B 159 -13.67 -8.19 -8.41
N HIS B 160 -12.71 -7.30 -8.10
CA HIS B 160 -12.08 -6.50 -9.16
C HIS B 160 -10.60 -6.91 -9.38
N SER B 161 -10.26 -8.12 -8.96
CA SER B 161 -8.88 -8.57 -9.07
C SER B 161 -8.39 -8.94 -10.50
N ARG B 162 -9.30 -8.99 -11.47
CA ARG B 162 -8.91 -9.39 -12.83
C ARG B 162 -9.10 -8.35 -13.91
N ILE B 163 -9.40 -7.12 -13.51
CA ILE B 163 -9.59 -6.05 -14.49
C ILE B 163 -8.28 -5.38 -14.90
N GLY B 164 -7.19 -5.71 -14.18
CA GLY B 164 -5.86 -5.18 -14.53
C GLY B 164 -5.14 -4.21 -13.61
N TRP B 165 -5.65 -3.97 -12.40
CA TRP B 165 -5.00 -3.04 -11.45
C TRP B 165 -3.59 -3.51 -11.13
N ASP B 166 -3.43 -4.80 -10.93
CA ASP B 166 -2.08 -5.34 -10.59
C ASP B 166 -1.00 -5.04 -11.63
N ARG B 167 -1.38 -5.00 -12.91
CA ARG B 167 -0.47 -4.69 -14.00
C ARG B 167 0.01 -3.23 -13.92
N PHE B 168 -0.93 -2.33 -13.69
CA PHE B 168 -0.69 -0.90 -13.54
C PHE B 168 0.16 -0.60 -12.29
N VAL B 169 -0.25 -1.16 -11.14
CA VAL B 169 0.47 -0.97 -9.87
C VAL B 169 1.89 -1.59 -9.98
N GLY B 170 2.02 -2.74 -10.65
CA GLY B 170 3.32 -3.37 -10.83
C GLY B 170 4.25 -2.47 -11.59
N GLY B 171 3.75 -1.80 -12.62
CA GLY B 171 4.57 -0.88 -13.40
C GLY B 171 5.06 0.30 -12.56
N VAL B 172 4.15 0.91 -11.80
CA VAL B 172 4.52 2.01 -10.92
C VAL B 172 5.64 1.59 -9.92
N ILE B 173 5.49 0.42 -9.28
CA ILE B 173 6.49 -0.08 -8.30
C ILE B 173 7.86 -0.38 -8.96
N ARG B 174 7.84 -0.95 -10.17
CA ARG B 174 9.08 -1.21 -10.90
C ARG B 174 9.84 0.07 -11.17
N ARG B 175 9.12 1.10 -11.64
CA ARG B 175 9.75 2.37 -11.94
C ARG B 175 10.31 3.03 -10.69
N LEU B 176 9.60 2.91 -9.57
CA LEU B 176 10.04 3.45 -8.29
C LEU B 176 11.35 2.77 -7.81
N ALA B 177 11.39 1.45 -7.78
CA ALA B 177 12.56 0.69 -7.37
C ALA B 177 13.77 1.01 -8.25
N ALA B 178 13.50 1.23 -9.53
CA ALA B 178 14.50 1.53 -10.54
C ALA B 178 15.15 2.87 -10.29
N ARG B 179 14.33 3.81 -9.83
CA ARG B 179 14.71 5.18 -9.55
C ARG B 179 15.29 5.36 -8.14
N ARG B 180 14.84 4.54 -7.22
CA ARG B 180 15.25 4.67 -5.83
C ARG B 180 15.87 3.39 -5.23
N PRO B 181 17.19 3.26 -5.35
CA PRO B 181 17.87 2.08 -4.79
C PRO B 181 17.89 2.19 -3.26
N GLY B 182 17.89 1.06 -2.57
CA GLY B 182 17.94 1.10 -1.12
C GLY B 182 16.63 1.25 -0.39
N LEU B 183 15.54 0.88 -1.06
CA LEU B 183 14.21 0.94 -0.45
C LEU B 183 14.04 -0.31 0.43
N VAL B 184 13.21 -0.22 1.45
CA VAL B 184 12.90 -1.39 2.26
C VAL B 184 11.53 -1.93 1.77
N PHE B 185 11.46 -3.21 1.46
CA PHE B 185 10.18 -3.78 1.06
C PHE B 185 9.73 -4.79 2.14
N MET B 186 8.47 -4.68 2.59
CA MET B 186 7.92 -5.64 3.55
C MET B 186 6.82 -6.45 2.82
N LEU B 187 7.13 -7.73 2.53
CA LEU B 187 6.22 -8.65 1.79
C LEU B 187 5.64 -9.76 2.67
N TRP B 188 4.41 -9.56 3.11
CA TRP B 188 3.74 -10.44 4.02
C TRP B 188 2.75 -11.35 3.34
N GLY B 189 3.06 -12.65 3.37
CA GLY B 189 2.23 -13.67 2.77
C GLY B 189 2.63 -14.01 1.36
N THR B 190 2.07 -15.09 0.88
CA THR B 190 2.35 -15.61 -0.46
C THR B 190 2.05 -14.71 -1.64
N HIS B 191 0.91 -14.01 -1.61
CA HIS B 191 0.54 -13.12 -2.73
C HIS B 191 1.59 -12.00 -2.93
N ALA B 192 1.91 -11.27 -1.87
CA ALA B 192 2.85 -10.15 -1.93
C ALA B 192 4.25 -10.62 -2.36
N GLN B 193 4.62 -11.81 -1.94
CA GLN B 193 5.90 -12.37 -2.30
C GLN B 193 5.97 -12.75 -3.79
N ASN B 194 4.86 -13.22 -4.36
CA ASN B 194 4.81 -13.58 -5.77
C ASN B 194 4.64 -12.35 -6.64
N ALA B 195 3.89 -11.37 -6.14
CA ALA B 195 3.64 -10.14 -6.89
C ALA B 195 4.82 -9.22 -7.20
N ILE B 196 5.68 -9.02 -6.22
CA ILE B 196 6.80 -8.08 -6.32
C ILE B 196 8.08 -8.82 -6.06
N ARG B 197 9.07 -8.64 -6.89
CA ARG B 197 10.36 -9.31 -6.67
C ARG B 197 11.49 -8.32 -6.94
N PRO B 198 11.76 -7.41 -5.98
CA PRO B 198 12.81 -6.42 -6.16
C PRO B 198 14.17 -7.09 -6.03
N ASP B 199 15.20 -6.44 -6.57
CA ASP B 199 16.54 -6.97 -6.50
C ASP B 199 17.03 -6.90 -5.05
N PRO B 200 17.23 -8.05 -4.39
CA PRO B 200 17.70 -8.09 -3.00
C PRO B 200 19.09 -7.57 -2.76
N ARG B 201 19.83 -7.29 -3.81
CA ARG B 201 21.16 -6.77 -3.63
C ARG B 201 21.06 -5.27 -3.60
N VAL B 202 20.12 -4.71 -4.34
CA VAL B 202 19.94 -3.26 -4.38
C VAL B 202 18.99 -2.72 -3.28
N HIS B 203 18.05 -3.56 -2.83
CA HIS B 203 17.06 -3.14 -1.82
C HIS B 203 17.01 -4.09 -0.66
N CYS B 204 16.44 -3.67 0.46
CA CYS B 204 16.30 -4.54 1.61
C CYS B 204 14.92 -5.18 1.47
N VAL B 205 14.90 -6.45 1.05
CA VAL B 205 13.66 -7.19 0.86
C VAL B 205 13.33 -8.10 2.07
N LEU B 206 12.31 -7.72 2.84
CA LEU B 206 11.95 -8.49 4.02
C LEU B 206 10.66 -9.30 3.78
N LYS B 207 10.67 -10.60 4.14
CA LYS B 207 9.52 -11.48 3.94
C LYS B 207 9.04 -12.11 5.23
N PHE B 208 7.74 -12.31 5.35
CA PHE B 208 7.17 -12.94 6.54
C PHE B 208 5.82 -13.49 6.13
N SER B 209 5.22 -14.33 6.99
CA SER B 209 3.90 -14.87 6.77
C SER B 209 2.88 -13.73 6.92
N HIS B 210 1.64 -13.99 6.58
CA HIS B 210 0.57 -12.99 6.62
C HIS B 210 0.14 -12.68 8.05
N PRO B 211 -0.30 -11.41 8.33
CA PRO B 211 -0.74 -11.03 9.68
C PRO B 211 -2.00 -11.69 10.20
N SER B 212 -2.75 -12.33 9.32
CA SER B 212 -4.00 -13.00 9.70
C SER B 212 -3.86 -13.89 10.93
N PRO B 213 -4.82 -13.79 11.87
CA PRO B 213 -4.73 -14.63 13.05
C PRO B 213 -4.79 -16.16 12.67
N LEU B 214 -5.18 -16.48 11.45
CA LEU B 214 -5.24 -17.86 10.99
C LEU B 214 -3.89 -18.44 10.55
N SER B 215 -2.84 -17.60 10.47
CA SER B 215 -1.51 -18.07 10.07
C SER B 215 -0.89 -18.96 11.16
N LYS B 216 -0.08 -19.91 10.70
CA LYS B 216 0.58 -20.85 11.61
C LYS B 216 1.64 -20.17 12.46
N VAL B 217 2.30 -19.15 11.91
CA VAL B 217 3.31 -18.43 12.66
C VAL B 217 2.63 -17.14 13.18
N PRO B 218 2.69 -16.85 14.50
CA PRO B 218 2.07 -15.64 15.05
C PRO B 218 2.75 -14.36 14.53
N PHE B 219 2.01 -13.50 13.86
CA PHE B 219 2.61 -12.30 13.32
C PHE B 219 3.24 -11.40 14.39
N GLY B 220 2.72 -11.44 15.62
CA GLY B 220 3.28 -10.63 16.70
C GLY B 220 4.79 -10.83 16.89
N THR B 221 5.32 -11.93 16.35
CA THR B 221 6.74 -12.22 16.44
C THR B 221 7.56 -11.57 15.33
N CYS B 222 6.91 -10.88 14.39
CA CYS B 222 7.65 -10.27 13.28
C CYS B 222 8.53 -9.13 13.75
N GLN B 223 9.76 -9.05 13.24
CA GLN B 223 10.64 -7.98 13.64
C GLN B 223 11.00 -7.04 12.53
N HIS B 224 10.20 -7.03 11.44
CA HIS B 224 10.47 -6.18 10.29
C HIS B 224 10.66 -4.70 10.61
N PHE B 225 9.86 -4.16 11.52
CA PHE B 225 9.93 -2.73 11.88
C PHE B 225 11.27 -2.36 12.47
N LEU B 226 11.81 -3.28 13.23
CA LEU B 226 13.11 -3.09 13.85
C LEU B 226 14.24 -3.23 12.81
N VAL B 227 14.20 -4.30 12.01
CA VAL B 227 15.21 -4.56 10.97
C VAL B 227 15.27 -3.43 9.94
N ALA B 228 14.11 -2.92 9.52
CA ALA B 228 14.04 -1.80 8.60
C ALA B 228 14.78 -0.56 9.13
N ASN B 229 14.58 -0.24 10.41
CA ASN B 229 15.23 0.94 11.00
C ASN B 229 16.75 0.77 11.10
N ARG B 230 17.20 -0.43 11.40
CA ARG B 230 18.63 -0.68 11.45
C ARG B 230 19.21 -0.50 10.06
N TYR B 231 18.52 -1.00 9.03
CA TYR B 231 18.99 -0.81 7.64
C TYR B 231 19.11 0.67 7.27
N LEU B 232 18.05 1.43 7.50
CA LEU B 232 18.03 2.86 7.20
C LEU B 232 19.21 3.54 7.88
N GLU B 233 19.42 3.20 9.16
CA GLU B 233 20.50 3.80 9.94
C GLU B 233 21.90 3.54 9.38
N THR B 234 22.13 2.33 8.85
CA THR B 234 23.42 2.03 8.24
C THR B 234 23.62 2.87 6.97
N ARG B 235 22.54 3.51 6.50
CA ARG B 235 22.56 4.35 5.30
C ARG B 235 22.32 5.84 5.56
N SER B 236 22.44 6.26 6.82
CA SER B 236 22.29 7.68 7.18
C SER B 236 20.90 8.31 7.00
N ILE B 237 19.87 7.45 6.97
CA ILE B 237 18.48 7.89 6.85
C ILE B 237 17.90 7.88 8.26
N SER B 238 17.06 8.84 8.60
CA SER B 238 16.45 8.86 9.93
C SER B 238 15.53 7.64 10.08
N PRO B 239 15.38 7.11 11.29
CA PRO B 239 14.50 5.96 11.43
C PRO B 239 13.03 6.42 11.45
N ILE B 240 12.14 5.48 11.18
CA ILE B 240 10.71 5.74 11.15
C ILE B 240 10.20 5.55 12.57
N ASP B 241 9.36 6.46 13.05
CA ASP B 241 8.73 6.30 14.35
C ASP B 241 7.47 5.50 14.02
N TRP B 242 7.41 4.25 14.45
CA TRP B 242 6.28 3.36 14.15
C TRP B 242 5.03 3.50 15.03
N SER B 243 5.08 4.41 16.00
CA SER B 243 3.93 4.61 16.89
C SER B 243 2.77 5.18 16.09
N VAL B 244 1.56 4.79 16.45
CA VAL B 244 0.38 5.24 15.73
C VAL B 244 -0.85 4.96 16.56
#